data_2ETE
#
_entry.id   2ETE
#
_cell.length_a   250.434
_cell.length_b   250.434
_cell.length_c   250.434
_cell.angle_alpha   90.00
_cell.angle_beta   90.00
_cell.angle_gamma   90.00
#
_symmetry.space_group_name_H-M   'F 4 3 2'
#
loop_
_entity.id
_entity.type
_entity.pdbx_description
1 polymer 'Oxalate oxidase 1'
2 non-polymer 2-acetamido-2-deoxy-beta-D-glucopyranose
3 non-polymer 'MANGANESE (II) ION'
4 non-polymer 'GLYOXYLIC ACID'
5 water water
#
_entity_poly.entity_id   1
_entity_poly.type   'polypeptide(L)'
_entity_poly.pdbx_seq_one_letter_code
;SDPDPLQDFCVADLDGKAVSVNGHTCKPMSEAGDDFLFSSKLTKAGNTSTPNGSAVTELDVAEWPGTNTLGVSMNRVDFA
PGGTNPPHIHPRATEIGMVMKGELLVGILGSLDSGNKLYSRVVRAGETFVIPRGLMHFQFNVGKTEAYMVVSFNSQNPGI
VFVPLTLFGSDPPIPTPVLTKALRVEAGVVELLKSKFAGGS
;
_entity_poly.pdbx_strand_id   A,B
#
# COMPACT_ATOMS: atom_id res chain seq x y z
N SER A 1 13.77 4.35 4.75
CA SER A 1 12.58 4.66 3.89
C SER A 1 12.46 6.17 3.68
N ASP A 2 11.50 6.58 2.82
CA ASP A 2 11.21 8.01 2.59
C ASP A 2 11.25 8.82 3.88
N PRO A 3 11.86 10.03 3.83
CA PRO A 3 11.81 10.94 4.97
C PRO A 3 10.35 11.20 5.42
N ASP A 4 10.12 11.25 6.73
CA ASP A 4 8.80 11.57 7.30
C ASP A 4 8.34 12.99 6.92
N PRO A 5 7.01 13.22 6.85
CA PRO A 5 6.49 14.56 6.58
C PRO A 5 6.68 15.49 7.79
N LEU A 6 6.77 16.80 7.52
CA LEU A 6 6.98 17.81 8.57
C LEU A 6 5.79 18.76 8.72
N GLN A 7 4.69 18.40 8.05
CA GLN A 7 3.41 19.13 8.09
C GLN A 7 2.34 18.20 7.51
N ASP A 8 1.08 18.63 7.53
CA ASP A 8 -0.04 17.80 7.07
C ASP A 8 0.05 17.44 5.58
N PHE A 9 0.20 18.48 4.74
CA PHE A 9 0.14 18.33 3.27
C PHE A 9 1.27 19.10 2.61
N CYS A 10 1.72 18.62 1.45
CA CYS A 10 2.80 19.27 0.70
C CYS A 10 2.74 18.77 -0.74
N VAL A 11 1.76 19.25 -1.50
CA VAL A 11 1.52 18.76 -2.88
C VAL A 11 2.71 19.12 -3.78
N ALA A 12 3.27 18.12 -4.47
CA ALA A 12 4.41 18.36 -5.35
C ALA A 12 4.12 19.42 -6.40
N ASP A 13 5.02 20.39 -6.52
CA ASP A 13 5.00 21.37 -7.60
C ASP A 13 5.83 20.77 -8.74
N LEU A 14 5.15 20.28 -9.78
CA LEU A 14 5.81 19.54 -10.84
C LEU A 14 6.23 20.40 -12.04
N ASP A 15 6.08 21.72 -11.92
CA ASP A 15 6.55 22.66 -12.95
C ASP A 15 8.03 22.43 -13.26
N GLY A 16 8.36 22.42 -14.56
CA GLY A 16 9.72 22.14 -15.02
C GLY A 16 10.76 23.17 -14.58
N LYS A 17 10.31 24.36 -14.21
CA LYS A 17 11.21 25.44 -13.78
C LYS A 17 11.39 25.52 -12.27
N ALA A 18 10.61 24.74 -11.52
CA ALA A 18 10.71 24.74 -10.06
C ALA A 18 12.12 24.36 -9.60
N VAL A 19 12.56 24.95 -8.49
CA VAL A 19 13.83 24.55 -7.87
C VAL A 19 13.78 23.06 -7.56
N SER A 20 14.91 22.38 -7.74
CA SER A 20 14.98 20.94 -7.50
C SER A 20 15.54 20.66 -6.11
N VAL A 21 14.94 19.68 -5.42
CA VAL A 21 15.40 19.23 -4.10
C VAL A 21 15.24 17.70 -4.02
N ASN A 22 15.70 17.10 -2.92
CA ASN A 22 15.35 15.71 -2.64
C ASN A 22 13.83 15.59 -2.60
N GLY A 23 13.26 14.81 -3.50
CA GLY A 23 11.80 14.77 -3.68
C GLY A 23 11.31 15.91 -4.57
N HIS A 24 10.39 16.73 -4.05
CA HIS A 24 9.83 17.86 -4.78
C HIS A 24 9.50 19.03 -3.87
N THR A 25 9.68 20.25 -4.37
CA THR A 25 9.12 21.42 -3.71
C THR A 25 7.59 21.30 -3.73
N CYS A 26 6.92 22.11 -2.92
CA CYS A 26 5.47 22.00 -2.76
C CYS A 26 4.72 23.23 -3.24
N LYS A 27 3.51 23.00 -3.75
CA LYS A 27 2.58 24.08 -4.06
C LYS A 27 2.20 24.81 -2.76
N PRO A 28 2.07 26.14 -2.81
CA PRO A 28 1.43 26.83 -1.68
C PRO A 28 0.04 26.21 -1.46
N MET A 29 -0.39 26.09 -0.21
CA MET A 29 -1.69 25.48 0.09
C MET A 29 -2.85 26.20 -0.59
N SER A 30 -2.71 27.52 -0.77
CA SER A 30 -3.73 28.31 -1.48
C SER A 30 -3.97 27.85 -2.91
N GLU A 31 -2.99 27.16 -3.49
CA GLU A 31 -3.06 26.71 -4.89
C GLU A 31 -3.24 25.20 -5.06
N ALA A 32 -3.36 24.49 -3.94
CA ALA A 32 -3.44 23.02 -3.95
C ALA A 32 -4.82 22.50 -4.37
N GLY A 33 -5.85 23.30 -4.15
CA GLY A 33 -7.22 22.86 -4.43
C GLY A 33 -7.74 21.89 -3.38
N ASP A 34 -8.87 21.26 -3.69
CA ASP A 34 -9.57 20.42 -2.71
C ASP A 34 -9.50 18.92 -2.99
N ASP A 35 -8.87 18.55 -4.11
CA ASP A 35 -8.95 17.18 -4.62
C ASP A 35 -7.63 16.40 -4.63
N PHE A 36 -6.58 17.01 -4.07
CA PHE A 36 -5.22 16.44 -4.19
C PHE A 36 -5.03 15.09 -3.50
N LEU A 37 -5.85 14.78 -2.51
CA LEU A 37 -5.77 13.51 -1.79
C LEU A 37 -6.46 12.36 -2.54
N PHE A 38 -6.93 12.62 -3.75
CA PHE A 38 -7.74 11.65 -4.51
C PHE A 38 -7.27 11.50 -5.95
N SER A 39 -7.43 10.29 -6.51
CA SER A 39 -7.14 10.04 -7.93
C SER A 39 -8.12 9.06 -8.56
N SER A 40 -8.31 9.19 -9.88
CA SER A 40 -9.12 8.24 -10.64
C SER A 40 -8.32 7.58 -11.76
N LYS A 41 -6.99 7.76 -11.74
CA LYS A 41 -6.15 7.30 -12.85
C LYS A 41 -6.06 5.78 -13.03
N LEU A 42 -6.40 5.01 -12.00
CA LEU A 42 -6.31 3.55 -12.09
C LEU A 42 -7.63 2.85 -12.41
N THR A 43 -8.65 3.62 -12.79
CA THR A 43 -9.96 3.04 -13.10
C THR A 43 -9.99 2.24 -14.39
N LYS A 44 -9.04 2.50 -15.29
CA LYS A 44 -9.04 1.86 -16.60
C LYS A 44 -7.83 0.98 -16.84
N ALA A 45 -8.05 -0.14 -17.52
CA ALA A 45 -6.99 -1.10 -17.86
C ALA A 45 -5.99 -0.52 -18.86
N GLY A 46 -4.72 -0.83 -18.66
CA GLY A 46 -3.65 -0.45 -19.58
C GLY A 46 -3.65 -1.34 -20.82
N ASN A 47 -2.99 -0.86 -21.88
CA ASN A 47 -2.90 -1.57 -23.15
C ASN A 47 -1.84 -2.66 -23.09
N THR A 48 -2.27 -3.92 -23.10
CA THR A 48 -1.36 -5.06 -22.94
C THR A 48 -0.72 -5.53 -24.24
N SER A 49 -0.97 -4.81 -25.33
CA SER A 49 -0.35 -5.12 -26.62
C SER A 49 1.06 -4.54 -26.67
N THR A 50 1.95 -5.16 -25.91
CA THR A 50 3.35 -4.75 -25.78
C THR A 50 4.22 -6.01 -25.88
N PRO A 51 5.53 -5.85 -26.18
CA PRO A 51 6.46 -6.98 -26.16
C PRO A 51 6.41 -7.83 -24.88
N ASN A 52 6.33 -7.17 -23.72
CA ASN A 52 6.21 -7.87 -22.43
C ASN A 52 4.86 -8.58 -22.30
N GLY A 53 3.82 -8.01 -22.90
CA GLY A 53 2.47 -8.52 -22.74
C GLY A 53 1.82 -8.04 -21.46
N SER A 54 2.37 -6.96 -20.90
CA SER A 54 1.77 -6.28 -19.74
C SER A 54 1.89 -4.76 -19.88
N ALA A 55 1.11 -4.04 -19.08
CA ALA A 55 1.13 -2.58 -19.05
C ALA A 55 1.06 -2.08 -17.62
N VAL A 56 1.99 -1.19 -17.27
CA VAL A 56 2.02 -0.58 -15.94
C VAL A 56 1.41 0.83 -16.02
N THR A 57 0.37 1.07 -15.23
CA THR A 57 -0.21 2.40 -15.10
C THR A 57 0.24 2.95 -13.75
N GLU A 58 1.15 3.93 -13.79
CA GLU A 58 1.82 4.39 -12.58
C GLU A 58 1.02 5.42 -11.81
N LEU A 59 1.07 5.31 -10.49
CA LEU A 59 0.50 6.35 -9.63
C LEU A 59 1.52 6.72 -8.56
N ASP A 60 2.73 7.03 -9.04
CA ASP A 60 3.79 7.59 -8.21
C ASP A 60 3.57 9.10 -8.07
N VAL A 61 4.48 9.78 -7.38
CA VAL A 61 4.32 11.22 -7.10
C VAL A 61 4.18 12.08 -8.38
N ALA A 62 4.81 11.65 -9.46
CA ALA A 62 4.71 12.36 -10.75
C ALA A 62 3.27 12.36 -11.29
N GLU A 63 2.53 11.29 -11.00
CA GLU A 63 1.16 11.14 -11.47
C GLU A 63 0.11 11.50 -10.41
N TRP A 64 0.54 11.48 -9.14
CA TRP A 64 -0.31 11.79 -8.00
C TRP A 64 0.46 12.69 -7.04
N PRO A 65 0.59 13.99 -7.38
CA PRO A 65 1.47 14.88 -6.59
C PRO A 65 1.07 15.04 -5.12
N GLY A 66 -0.17 14.72 -4.78
CA GLY A 66 -0.65 14.76 -3.39
C GLY A 66 0.04 13.77 -2.46
N THR A 67 0.69 12.75 -3.03
CA THR A 67 1.45 11.78 -2.23
C THR A 67 2.81 12.31 -1.75
N ASN A 68 3.23 13.46 -2.29
CA ASN A 68 4.52 14.06 -1.91
C ASN A 68 4.66 14.21 -0.40
N THR A 69 5.81 13.73 0.12
CA THR A 69 6.15 13.68 1.57
C THR A 69 5.45 12.59 2.38
N LEU A 70 4.46 11.92 1.80
CA LEU A 70 3.59 11.01 2.58
C LEU A 70 4.08 9.57 2.72
N GLY A 71 5.09 9.19 1.93
CA GLY A 71 5.75 7.89 2.07
C GLY A 71 5.05 6.70 1.42
N VAL A 72 4.16 6.98 0.47
CA VAL A 72 3.37 5.93 -0.22
C VAL A 72 3.13 6.28 -1.70
N SER A 73 2.84 5.25 -2.49
CA SER A 73 2.36 5.39 -3.87
C SER A 73 1.72 4.07 -4.31
N MET A 74 1.14 4.07 -5.51
CA MET A 74 0.48 2.86 -6.03
C MET A 74 0.78 2.70 -7.50
N ASN A 75 0.56 1.48 -8.01
CA ASN A 75 0.25 1.32 -9.43
C ASN A 75 -0.63 0.13 -9.75
N ARG A 76 -1.09 0.12 -11.00
CA ARG A 76 -1.88 -0.97 -11.53
C ARG A 76 -1.07 -1.63 -12.64
N VAL A 77 -1.16 -2.96 -12.73
CA VAL A 77 -0.52 -3.69 -13.84
C VAL A 77 -1.54 -4.66 -14.44
N ASP A 78 -1.76 -4.54 -15.75
CA ASP A 78 -2.65 -5.42 -16.52
C ASP A 78 -1.80 -6.39 -17.36
N PHE A 79 -2.30 -7.61 -17.56
CA PHE A 79 -1.56 -8.67 -18.26
C PHE A 79 -2.40 -9.36 -19.32
N ALA A 80 -1.88 -9.46 -20.54
CA ALA A 80 -2.43 -10.38 -21.55
C ALA A 80 -2.13 -11.82 -21.12
N PRO A 81 -2.94 -12.80 -21.57
CA PRO A 81 -2.57 -14.20 -21.35
C PRO A 81 -1.14 -14.49 -21.82
N GLY A 82 -0.34 -15.12 -20.95
CA GLY A 82 1.07 -15.38 -21.24
C GLY A 82 1.98 -14.18 -21.10
N GLY A 83 1.42 -13.05 -20.66
CA GLY A 83 2.18 -11.81 -20.48
C GLY A 83 3.00 -11.82 -19.21
N THR A 84 4.11 -11.09 -19.22
CA THR A 84 4.97 -10.95 -18.04
C THR A 84 5.21 -9.49 -17.67
N ASN A 85 5.27 -9.24 -16.36
CA ASN A 85 5.93 -8.06 -15.82
C ASN A 85 7.30 -8.61 -15.39
N PRO A 86 8.34 -8.36 -16.22
CA PRO A 86 9.57 -9.14 -16.18
C PRO A 86 10.39 -8.91 -14.90
N PRO A 87 11.33 -9.83 -14.59
CA PRO A 87 12.16 -9.65 -13.40
C PRO A 87 12.65 -8.20 -13.24
N HIS A 88 12.37 -7.63 -12.07
CA HIS A 88 12.67 -6.22 -11.80
C HIS A 88 12.90 -5.96 -10.32
N ILE A 89 13.42 -4.78 -10.01
CA ILE A 89 13.75 -4.36 -8.65
C ILE A 89 13.22 -2.95 -8.40
N HIS A 90 12.72 -2.71 -7.19
CA HIS A 90 12.42 -1.35 -6.73
C HIS A 90 13.54 -0.91 -5.78
N PRO A 91 14.38 0.04 -6.23
CA PRO A 91 15.55 0.42 -5.42
C PRO A 91 15.24 1.06 -4.06
N ARG A 92 14.04 1.64 -3.91
CA ARG A 92 13.75 2.44 -2.70
C ARG A 92 12.43 2.13 -1.98
N ALA A 93 11.89 0.92 -2.16
CA ALA A 93 10.61 0.58 -1.53
C ALA A 93 10.31 -0.91 -1.45
N THR A 94 9.61 -1.28 -0.38
CA THR A 94 8.89 -2.55 -0.28
C THR A 94 7.58 -2.41 -1.06
N GLU A 95 7.17 -3.49 -1.73
CA GLU A 95 5.92 -3.55 -2.49
C GLU A 95 4.95 -4.50 -1.80
N ILE A 96 3.68 -4.13 -1.76
CA ILE A 96 2.62 -4.99 -1.22
C ILE A 96 1.41 -4.95 -2.17
N GLY A 97 0.97 -6.12 -2.62
CA GLY A 97 0.00 -6.16 -3.71
C GLY A 97 -1.13 -7.16 -3.59
N MET A 98 -2.18 -6.92 -4.35
CA MET A 98 -3.33 -7.84 -4.45
C MET A 98 -3.66 -8.09 -5.92
N VAL A 99 -3.85 -9.36 -6.27
CA VAL A 99 -4.39 -9.72 -7.59
C VAL A 99 -5.91 -9.49 -7.56
N MET A 100 -6.42 -8.77 -8.55
CA MET A 100 -7.84 -8.43 -8.60
C MET A 100 -8.65 -9.35 -9.52
N LYS A 101 -8.01 -9.85 -10.58
CA LYS A 101 -8.64 -10.72 -11.58
C LYS A 101 -7.59 -11.61 -12.22
N GLY A 102 -7.95 -12.86 -12.49
CA GLY A 102 -7.07 -13.79 -13.20
C GLY A 102 -6.13 -14.59 -12.33
N GLU A 103 -5.12 -15.20 -12.95
CA GLU A 103 -4.20 -16.10 -12.27
C GLU A 103 -2.76 -15.70 -12.60
N LEU A 104 -2.06 -15.20 -11.59
CA LEU A 104 -0.69 -14.71 -11.78
C LEU A 104 0.33 -15.49 -10.97
N LEU A 105 1.31 -16.07 -11.65
CA LEU A 105 2.50 -16.59 -11.00
C LEU A 105 3.29 -15.38 -10.51
N VAL A 106 3.55 -15.31 -9.21
CA VAL A 106 4.34 -14.25 -8.61
C VAL A 106 5.57 -14.87 -7.98
N GLY A 107 6.75 -14.40 -8.41
CA GLY A 107 8.02 -14.94 -7.94
C GLY A 107 8.84 -13.87 -7.25
N ILE A 108 9.43 -14.24 -6.10
CA ILE A 108 10.24 -13.35 -5.28
C ILE A 108 11.57 -14.04 -4.96
N LEU A 109 12.67 -13.34 -5.22
CA LEU A 109 14.00 -13.94 -5.13
C LEU A 109 14.84 -13.38 -3.97
N GLY A 110 15.31 -14.25 -3.09
CA GLY A 110 16.25 -13.85 -2.03
C GLY A 110 17.60 -13.43 -2.59
N SER A 111 18.35 -12.68 -1.78
CA SER A 111 19.72 -12.29 -2.13
C SER A 111 20.69 -13.47 -1.94
N LEU A 112 21.99 -13.20 -2.13
CA LEU A 112 23.01 -14.24 -2.01
C LEU A 112 22.99 -14.95 -0.63
N ASP A 113 22.83 -14.15 0.42
CA ASP A 113 22.78 -14.67 1.80
C ASP A 113 21.57 -15.57 2.03
N SER A 114 20.55 -15.42 1.19
CA SER A 114 19.35 -16.25 1.24
C SER A 114 19.43 -17.39 0.23
N GLY A 115 20.63 -17.62 -0.30
CA GLY A 115 20.89 -18.68 -1.29
C GLY A 115 20.20 -18.48 -2.62
N ASN A 116 19.88 -17.23 -2.96
CA ASN A 116 19.12 -16.88 -4.16
C ASN A 116 17.87 -17.74 -4.33
N LYS A 117 17.19 -18.01 -3.21
CA LYS A 117 16.01 -18.87 -3.21
C LYS A 117 14.85 -18.18 -3.91
N LEU A 118 14.12 -18.95 -4.72
CA LEU A 118 12.93 -18.46 -5.40
C LEU A 118 11.67 -18.90 -4.66
N TYR A 119 10.93 -17.91 -4.16
CA TYR A 119 9.63 -18.12 -3.55
C TYR A 119 8.57 -17.75 -4.57
N SER A 120 7.67 -18.69 -4.87
CA SER A 120 6.65 -18.42 -5.88
C SER A 120 5.36 -19.20 -5.63
N ARG A 121 4.26 -18.63 -6.11
CA ARG A 121 2.97 -19.33 -6.14
C ARG A 121 2.04 -18.64 -7.12
N VAL A 122 0.98 -19.33 -7.54
CA VAL A 122 -0.04 -18.72 -8.38
C VAL A 122 -1.04 -17.99 -7.49
N VAL A 123 -1.13 -16.68 -7.68
CA VAL A 123 -1.94 -15.79 -6.86
C VAL A 123 -3.19 -15.41 -7.63
N ARG A 124 -4.35 -15.58 -6.99
CA ARG A 124 -5.64 -15.37 -7.65
C ARG A 124 -6.41 -14.22 -6.99
N ALA A 125 -7.64 -13.97 -7.45
CA ALA A 125 -8.43 -12.81 -6.99
C ALA A 125 -8.54 -12.71 -5.47
N GLY A 126 -8.19 -11.53 -4.94
CA GLY A 126 -8.24 -11.28 -3.51
C GLY A 126 -7.03 -11.72 -2.71
N GLU A 127 -6.11 -12.46 -3.35
CA GLU A 127 -4.91 -12.94 -2.67
C GLU A 127 -3.77 -11.93 -2.81
N THR A 128 -2.84 -11.98 -1.86
CA THR A 128 -1.84 -10.92 -1.72
C THR A 128 -0.40 -11.44 -1.66
N PHE A 129 0.54 -10.53 -1.92
CA PHE A 129 1.97 -10.84 -1.87
C PHE A 129 2.73 -9.63 -1.36
N VAL A 130 3.92 -9.87 -0.81
CA VAL A 130 4.79 -8.80 -0.33
C VAL A 130 6.23 -9.02 -0.84
N ILE A 131 6.86 -7.94 -1.31
CA ILE A 131 8.20 -7.98 -1.90
C ILE A 131 9.13 -7.03 -1.16
N PRO A 132 10.09 -7.58 -0.38
CA PRO A 132 11.07 -6.72 0.32
C PRO A 132 11.83 -5.79 -0.62
N ARG A 133 12.10 -4.58 -0.12
CA ARG A 133 12.88 -3.56 -0.81
C ARG A 133 14.15 -4.12 -1.47
N GLY A 134 14.34 -3.78 -2.75
CA GLY A 134 15.58 -4.12 -3.46
C GLY A 134 15.73 -5.53 -4.00
N LEU A 135 14.76 -6.40 -3.77
CA LEU A 135 14.86 -7.80 -4.25
C LEU A 135 14.23 -8.02 -5.62
N MET A 136 14.87 -8.87 -6.43
CA MET A 136 14.36 -9.20 -7.76
C MET A 136 13.04 -9.98 -7.65
N HIS A 137 12.10 -9.67 -8.54
CA HIS A 137 10.77 -10.29 -8.55
C HIS A 137 10.08 -10.14 -9.91
N PHE A 138 9.05 -10.95 -10.16
CA PHE A 138 8.34 -10.93 -11.44
C PHE A 138 6.90 -11.42 -11.28
N GLN A 139 6.08 -11.15 -12.30
CA GLN A 139 4.75 -11.75 -12.41
C GLN A 139 4.54 -12.28 -13.82
N PHE A 140 3.75 -13.35 -13.95
CA PHE A 140 3.50 -14.01 -15.22
C PHE A 140 2.05 -14.53 -15.25
N ASN A 141 1.31 -14.18 -16.31
CA ASN A 141 -0.09 -14.58 -16.44
C ASN A 141 -0.20 -16.02 -16.94
N VAL A 142 -0.54 -16.93 -16.03
CA VAL A 142 -0.67 -18.37 -16.35
C VAL A 142 -2.10 -18.76 -16.75
N GLY A 143 -3.03 -17.81 -16.70
CA GLY A 143 -4.43 -18.04 -17.06
C GLY A 143 -4.73 -17.82 -18.53
N LYS A 144 -5.97 -18.09 -18.91
CA LYS A 144 -6.40 -17.94 -20.31
C LYS A 144 -7.07 -16.58 -20.56
N THR A 145 -7.34 -15.85 -19.47
CA THR A 145 -7.99 -14.54 -19.54
C THR A 145 -7.01 -13.42 -19.18
N GLU A 146 -7.40 -12.19 -19.47
CA GLU A 146 -6.63 -11.03 -19.02
C GLU A 146 -6.67 -10.95 -17.48
N ALA A 147 -5.53 -10.62 -16.89
CA ALA A 147 -5.41 -10.49 -15.44
C ALA A 147 -4.95 -9.09 -15.07
N TYR A 148 -5.25 -8.68 -13.85
CA TYR A 148 -4.69 -7.43 -13.32
C TYR A 148 -4.48 -7.43 -11.80
N MET A 149 -3.55 -6.60 -11.36
CA MET A 149 -3.23 -6.45 -9.96
C MET A 149 -3.09 -4.97 -9.63
N VAL A 150 -3.28 -4.66 -8.35
CA VAL A 150 -3.07 -3.32 -7.83
C VAL A 150 -2.09 -3.43 -6.67
N VAL A 151 -1.01 -2.65 -6.73
CA VAL A 151 0.05 -2.74 -5.73
C VAL A 151 0.36 -1.38 -5.10
N SER A 152 0.86 -1.41 -3.87
CA SER A 152 1.25 -0.21 -3.15
C SER A 152 2.71 -0.31 -2.72
N PHE A 153 3.34 0.85 -2.50
CA PHE A 153 4.73 0.92 -2.08
C PHE A 153 4.86 1.83 -0.87
N ASN A 154 5.87 1.58 -0.02
CA ASN A 154 6.21 2.51 1.06
C ASN A 154 7.22 3.59 0.63
N SER A 155 7.05 4.06 -0.62
CA SER A 155 7.75 5.24 -1.13
C SER A 155 6.86 5.99 -2.11
N GLN A 156 7.02 7.31 -2.17
CA GLN A 156 6.36 8.13 -3.18
C GLN A 156 6.97 7.93 -4.58
N ASN A 157 8.17 7.37 -4.62
CA ASN A 157 8.92 7.19 -5.86
C ASN A 157 9.80 5.94 -5.76
N PRO A 158 9.19 4.75 -5.81
CA PRO A 158 9.95 3.52 -5.57
C PRO A 158 11.08 3.27 -6.56
N GLY A 159 10.90 3.72 -7.81
CA GLY A 159 11.85 3.45 -8.89
C GLY A 159 11.61 2.06 -9.47
N ILE A 160 11.96 1.88 -10.73
CA ILE A 160 11.92 0.54 -11.33
C ILE A 160 13.17 0.22 -12.14
N VAL A 161 13.82 -0.86 -11.76
CA VAL A 161 14.99 -1.37 -12.46
C VAL A 161 14.54 -2.65 -13.17
N PHE A 162 14.19 -2.54 -14.45
CA PHE A 162 13.81 -3.72 -15.24
C PHE A 162 15.09 -4.46 -15.62
N VAL A 163 15.18 -5.74 -15.26
CA VAL A 163 16.43 -6.49 -15.45
C VAL A 163 16.81 -6.70 -16.94
N PRO A 164 15.90 -7.26 -17.77
CA PRO A 164 16.25 -7.44 -19.18
C PRO A 164 16.57 -6.11 -19.89
N LEU A 165 15.69 -5.12 -19.76
CA LEU A 165 15.89 -3.81 -20.38
C LEU A 165 17.17 -3.11 -19.95
N THR A 166 17.50 -3.16 -18.65
CA THR A 166 18.72 -2.53 -18.14
C THR A 166 19.98 -3.26 -18.62
N LEU A 167 19.97 -4.59 -18.57
CA LEU A 167 21.13 -5.38 -19.01
C LEU A 167 21.44 -5.22 -20.49
N PHE A 168 20.40 -5.16 -21.32
CA PHE A 168 20.59 -5.24 -22.77
C PHE A 168 20.23 -3.99 -23.56
N GLY A 169 19.51 -3.06 -22.93
CA GLY A 169 19.00 -1.88 -23.62
C GLY A 169 19.23 -0.58 -22.86
N SER A 170 20.26 -0.54 -22.03
CA SER A 170 20.67 0.70 -21.37
C SER A 170 21.20 1.70 -22.40
N ASP A 171 21.32 2.96 -21.96
CA ASP A 171 21.68 4.06 -22.84
C ASP A 171 22.88 4.82 -22.28
N PRO A 172 24.10 4.53 -22.77
CA PRO A 172 24.47 3.54 -23.79
C PRO A 172 24.44 2.10 -23.27
N PRO A 173 24.46 1.10 -24.17
CA PRO A 173 24.49 -0.28 -23.73
C PRO A 173 25.79 -0.62 -22.99
N ILE A 174 25.69 -1.58 -22.08
CA ILE A 174 26.87 -2.10 -21.38
C ILE A 174 27.78 -2.75 -22.43
N PRO A 175 29.09 -2.47 -22.38
CA PRO A 175 30.00 -3.06 -23.39
C PRO A 175 29.88 -4.58 -23.49
N THR A 176 29.94 -5.09 -24.72
CA THR A 176 29.81 -6.52 -24.95
C THR A 176 30.80 -7.40 -24.14
N PRO A 177 32.10 -7.02 -24.09
CA PRO A 177 33.03 -7.82 -23.26
C PRO A 177 32.66 -7.92 -21.77
N VAL A 178 31.99 -6.91 -21.22
CA VAL A 178 31.52 -7.00 -19.83
C VAL A 178 30.43 -8.06 -19.73
N LEU A 179 29.50 -8.04 -20.68
CA LEU A 179 28.38 -8.98 -20.68
C LEU A 179 28.77 -10.42 -21.03
N THR A 180 29.73 -10.61 -21.94
CA THR A 180 30.20 -11.98 -22.22
C THR A 180 30.86 -12.61 -20.99
N LYS A 181 31.67 -11.82 -20.27
CA LYS A 181 32.29 -12.31 -19.04
C LYS A 181 31.24 -12.62 -17.96
N ALA A 182 30.28 -11.71 -17.79
CA ALA A 182 29.23 -11.84 -16.78
C ALA A 182 28.21 -12.95 -17.08
N LEU A 183 27.89 -13.15 -18.35
CA LEU A 183 26.83 -14.09 -18.73
C LEU A 183 27.36 -15.47 -19.17
N ARG A 184 28.67 -15.56 -19.35
CA ARG A 184 29.37 -16.83 -19.66
C ARG A 184 28.97 -17.41 -21.03
N VAL A 185 28.68 -16.50 -21.97
CA VAL A 185 28.32 -16.86 -23.36
C VAL A 185 29.14 -16.01 -24.36
N GLU A 186 29.16 -16.44 -25.63
CA GLU A 186 29.91 -15.74 -26.68
C GLU A 186 29.25 -14.41 -27.06
N ALA A 187 30.02 -13.56 -27.74
CA ALA A 187 29.53 -12.24 -28.18
C ALA A 187 28.26 -12.31 -29.03
N GLY A 188 28.14 -13.36 -29.86
CA GLY A 188 26.96 -13.55 -30.71
C GLY A 188 25.66 -13.60 -29.92
N VAL A 189 25.68 -14.28 -28.78
CA VAL A 189 24.50 -14.43 -27.92
C VAL A 189 24.16 -13.07 -27.28
N VAL A 190 25.20 -12.36 -26.82
CA VAL A 190 25.02 -11.03 -26.23
C VAL A 190 24.46 -10.03 -27.25
N GLU A 191 25.01 -10.02 -28.46
CA GLU A 191 24.54 -9.11 -29.51
C GLU A 191 23.11 -9.43 -29.96
N LEU A 192 22.75 -10.72 -29.95
CA LEU A 192 21.36 -11.12 -30.21
C LEU A 192 20.42 -10.50 -29.17
N LEU A 193 20.78 -10.62 -27.90
CA LEU A 193 19.96 -10.09 -26.81
C LEU A 193 19.87 -8.56 -26.88
N LYS A 194 21.00 -7.90 -27.15
CA LYS A 194 21.01 -6.45 -27.34
C LYS A 194 20.03 -6.02 -28.44
N SER A 195 19.99 -6.78 -29.53
CA SER A 195 19.12 -6.44 -30.67
C SER A 195 17.63 -6.43 -30.34
N LYS A 196 17.24 -7.16 -29.30
CA LYS A 196 15.84 -7.26 -28.87
C LYS A 196 15.40 -6.07 -28.02
N PHE A 197 16.36 -5.28 -27.54
CA PHE A 197 16.08 -4.15 -26.65
C PHE A 197 16.65 -2.84 -27.21
N ALA A 198 16.93 -2.84 -28.51
CA ALA A 198 17.61 -1.73 -29.21
C ALA A 198 16.82 -0.42 -29.26
N GLY A 199 15.53 -0.47 -28.95
CA GLY A 199 14.68 0.73 -28.96
C GLY A 199 14.54 1.40 -27.62
N GLY A 200 15.22 0.88 -26.60
CA GLY A 200 15.16 1.43 -25.25
C GLY A 200 13.91 1.07 -24.46
N SER A 201 13.16 0.09 -24.96
CA SER A 201 11.97 -0.42 -24.26
C SER A 201 11.81 -1.93 -24.49
N SER B 1 9.02 6.69 10.22
CA SER B 1 8.30 5.46 9.79
C SER B 1 8.99 4.23 10.35
N ASP B 2 8.41 3.04 10.14
CA ASP B 2 9.00 1.78 10.61
C ASP B 2 10.51 1.71 10.36
N PRO B 3 11.28 1.17 11.31
CA PRO B 3 12.71 0.95 11.07
C PRO B 3 12.92 0.09 9.82
N ASP B 4 13.92 0.43 9.01
CA ASP B 4 14.28 -0.34 7.81
C ASP B 4 14.72 -1.77 8.19
N PRO B 5 14.53 -2.74 7.28
CA PRO B 5 15.01 -4.11 7.54
C PRO B 5 16.53 -4.20 7.47
N LEU B 6 17.10 -5.16 8.20
CA LEU B 6 18.55 -5.37 8.22
C LEU B 6 18.98 -6.69 7.56
N GLN B 7 18.03 -7.34 6.88
CA GLN B 7 18.23 -8.58 6.13
C GLN B 7 17.01 -8.78 5.22
N ASP B 8 17.05 -9.82 4.39
CA ASP B 8 15.98 -10.08 3.41
C ASP B 8 14.63 -10.33 4.06
N PHE B 9 14.60 -11.32 4.97
CA PHE B 9 13.36 -11.80 5.57
C PHE B 9 13.52 -11.96 7.09
N CYS B 10 12.41 -11.80 7.82
CA CYS B 10 12.41 -11.93 9.28
C CYS B 10 10.97 -12.17 9.73
N VAL B 11 10.46 -13.38 9.49
CA VAL B 11 9.07 -13.71 9.78
C VAL B 11 8.79 -13.62 11.29
N ALA B 12 7.77 -12.86 11.67
CA ALA B 12 7.44 -12.68 13.10
C ALA B 12 7.18 -14.01 13.79
N ASP B 13 7.84 -14.19 14.95
CA ASP B 13 7.55 -15.30 15.86
C ASP B 13 6.48 -14.81 16.83
N LEU B 14 5.25 -15.25 16.60
CA LEU B 14 4.11 -14.75 17.35
C LEU B 14 3.73 -15.60 18.57
N ASP B 15 4.62 -16.53 18.93
CA ASP B 15 4.42 -17.34 20.12
C ASP B 15 4.35 -16.44 21.34
N GLY B 16 3.35 -16.67 22.19
CA GLY B 16 3.11 -15.85 23.38
C GLY B 16 4.24 -15.84 24.40
N LYS B 17 5.11 -16.84 24.33
CA LYS B 17 6.24 -16.98 25.26
C LYS B 17 7.55 -16.38 24.73
N ALA B 18 7.52 -15.91 23.49
CA ALA B 18 8.71 -15.29 22.87
C ALA B 18 9.11 -14.00 23.59
N VAL B 19 10.41 -13.72 23.62
CA VAL B 19 10.91 -12.47 24.19
C VAL B 19 10.31 -11.30 23.40
N SER B 20 9.97 -10.22 24.13
CA SER B 20 9.34 -9.05 23.52
C SER B 20 10.36 -7.98 23.17
N VAL B 21 10.22 -7.40 21.99
CA VAL B 21 11.08 -6.31 21.50
C VAL B 21 10.22 -5.30 20.75
N ASN B 22 10.81 -4.18 20.36
CA ASN B 22 10.17 -3.29 19.39
C ASN B 22 9.86 -4.12 18.14
N GLY B 23 8.57 -4.26 17.84
CA GLY B 23 8.12 -5.14 16.75
C GLY B 23 8.00 -6.57 17.24
N HIS B 24 8.69 -7.48 16.55
CA HIS B 24 8.66 -8.92 16.88
C HIS B 24 10.00 -9.58 16.62
N THR B 25 10.38 -10.52 17.50
CA THR B 25 11.47 -11.45 17.18
C THR B 25 11.07 -12.27 15.95
N CYS B 26 12.05 -12.95 15.35
CA CYS B 26 11.82 -13.65 14.09
C CYS B 26 12.01 -15.16 14.21
N LYS B 27 11.25 -15.90 13.40
CA LYS B 27 11.46 -17.35 13.26
C LYS B 27 12.79 -17.59 12.56
N PRO B 28 13.53 -18.64 12.97
CA PRO B 28 14.67 -19.05 12.14
C PRO B 28 14.18 -19.36 10.73
N MET B 29 15.00 -19.08 9.72
CA MET B 29 14.60 -19.31 8.33
C MET B 29 14.21 -20.76 8.06
N SER B 30 14.86 -21.69 8.77
CA SER B 30 14.55 -23.12 8.64
C SER B 30 13.13 -23.49 9.08
N GLU B 31 12.48 -22.59 9.82
CA GLU B 31 11.11 -22.83 10.31
C GLU B 31 10.06 -21.93 9.63
N ALA B 32 10.51 -21.07 8.71
CA ALA B 32 9.64 -20.09 8.08
C ALA B 32 8.76 -20.66 6.95
N GLY B 33 9.19 -21.76 6.36
CA GLY B 33 8.47 -22.36 5.23
C GLY B 33 8.67 -21.60 3.94
N ASP B 34 7.85 -21.92 2.94
CA ASP B 34 8.00 -21.35 1.59
C ASP B 34 6.92 -20.33 1.20
N ASP B 35 5.96 -20.11 2.09
CA ASP B 35 4.73 -19.39 1.74
C ASP B 35 4.52 -18.08 2.49
N PHE B 36 5.50 -17.68 3.31
CA PHE B 36 5.35 -16.53 4.22
C PHE B 36 5.14 -15.18 3.53
N LEU B 37 5.54 -15.07 2.27
CA LEU B 37 5.37 -13.82 1.52
C LEU B 37 3.98 -13.67 0.89
N PHE B 38 3.07 -14.59 1.22
CA PHE B 38 1.76 -14.68 0.55
C PHE B 38 0.63 -14.84 1.56
N SER B 39 -0.54 -14.30 1.24
CA SER B 39 -1.73 -14.48 2.07
C SER B 39 -3.01 -14.57 1.25
N SER B 40 -4.01 -15.26 1.78
CA SER B 40 -5.33 -15.33 1.16
C SER B 40 -6.42 -14.83 2.11
N LYS B 41 -6.04 -14.18 3.21
CA LYS B 41 -7.00 -13.78 4.25
C LYS B 41 -8.01 -12.69 3.82
N LEU B 42 -7.74 -12.01 2.72
CA LEU B 42 -8.61 -10.93 2.25
C LEU B 42 -9.54 -11.30 1.09
N THR B 43 -9.63 -12.60 0.77
CA THR B 43 -10.48 -13.06 -0.34
C THR B 43 -11.98 -12.97 -0.04
N LYS B 44 -12.33 -12.97 1.24
CA LYS B 44 -13.74 -12.99 1.64
C LYS B 44 -14.20 -11.74 2.36
N ALA B 45 -15.43 -11.34 2.07
CA ALA B 45 -16.04 -10.17 2.69
C ALA B 45 -16.27 -10.37 4.17
N GLY B 46 -15.98 -9.34 4.96
CA GLY B 46 -16.27 -9.36 6.39
C GLY B 46 -17.77 -9.18 6.63
N ASN B 47 -18.23 -9.61 7.79
CA ASN B 47 -19.64 -9.47 8.15
C ASN B 47 -19.93 -8.07 8.68
N THR B 48 -20.78 -7.35 7.94
CA THR B 48 -21.04 -5.93 8.19
C THR B 48 -22.12 -5.67 9.23
N SER B 49 -22.60 -6.72 9.88
CA SER B 49 -23.63 -6.60 10.91
C SER B 49 -23.02 -6.25 12.27
N THR B 50 -22.48 -5.03 12.36
CA THR B 50 -21.85 -4.48 13.55
C THR B 50 -22.47 -3.11 13.80
N PRO B 51 -22.36 -2.57 15.04
CA PRO B 51 -22.94 -1.25 15.30
C PRO B 51 -22.53 -0.17 14.28
N ASN B 52 -21.25 -0.16 13.88
CA ASN B 52 -20.78 0.77 12.85
C ASN B 52 -21.38 0.51 11.47
N GLY B 53 -21.72 -0.74 11.19
CA GLY B 53 -22.19 -1.14 9.86
C GLY B 53 -21.03 -1.38 8.90
N SER B 54 -19.84 -1.61 9.45
CA SER B 54 -18.68 -1.99 8.66
C SER B 54 -17.87 -3.05 9.39
N ALA B 55 -17.03 -3.76 8.64
CA ALA B 55 -16.13 -4.77 9.19
C ALA B 55 -14.72 -4.60 8.62
N VAL B 56 -13.74 -4.57 9.51
CA VAL B 56 -12.33 -4.51 9.11
C VAL B 56 -11.74 -5.92 9.19
N THR B 57 -11.23 -6.41 8.07
CA THR B 57 -10.46 -7.65 8.06
C THR B 57 -8.99 -7.25 7.98
N GLU B 58 -8.27 -7.44 9.09
CA GLU B 58 -6.91 -6.94 9.23
C GLU B 58 -5.87 -7.86 8.61
N LEU B 59 -4.87 -7.25 7.97
CA LEU B 59 -3.72 -8.00 7.50
C LEU B 59 -2.45 -7.25 7.92
N ASP B 60 -2.39 -6.93 9.21
CA ASP B 60 -1.19 -6.42 9.85
C ASP B 60 -0.26 -7.58 10.20
N VAL B 61 0.87 -7.27 10.86
CA VAL B 61 1.90 -8.28 11.15
C VAL B 61 1.37 -9.46 11.99
N ALA B 62 0.37 -9.21 12.84
CA ALA B 62 -0.23 -10.27 13.66
C ALA B 62 -0.95 -11.32 12.80
N GLU B 63 -1.49 -10.89 11.66
CA GLU B 63 -2.21 -11.76 10.74
C GLU B 63 -1.37 -12.21 9.54
N TRP B 64 -0.32 -11.44 9.23
CA TRP B 64 0.60 -11.74 8.14
C TRP B 64 2.03 -11.56 8.64
N PRO B 65 2.54 -12.55 9.41
CA PRO B 65 3.86 -12.40 10.06
C PRO B 65 5.04 -12.18 9.11
N GLY B 66 4.89 -12.57 7.84
CA GLY B 66 5.92 -12.32 6.82
C GLY B 66 6.18 -10.84 6.51
N THR B 67 5.27 -9.96 6.92
CA THR B 67 5.46 -8.52 6.76
C THR B 67 6.42 -7.92 7.79
N ASN B 68 6.73 -8.69 8.84
CA ASN B 68 7.64 -8.21 9.90
C ASN B 68 8.94 -7.64 9.32
N THR B 69 9.30 -6.43 9.78
CA THR B 69 10.47 -5.63 9.34
C THR B 69 10.36 -4.94 7.97
N LEU B 70 9.32 -5.26 7.21
CA LEU B 70 9.24 -4.82 5.79
C LEU B 70 8.57 -3.46 5.59
N GLY B 71 7.97 -2.90 6.64
CA GLY B 71 7.43 -1.54 6.62
C GLY B 71 6.11 -1.36 5.89
N VAL B 72 5.34 -2.45 5.74
CA VAL B 72 4.05 -2.40 5.06
C VAL B 72 3.03 -3.36 5.70
N SER B 73 1.75 -3.09 5.45
CA SER B 73 0.66 -4.01 5.77
C SER B 73 -0.59 -3.60 4.98
N MET B 74 -1.65 -4.38 5.11
CA MET B 74 -2.89 -4.12 4.39
C MET B 74 -4.11 -4.38 5.28
N ASN B 75 -5.26 -3.88 4.86
CA ASN B 75 -6.53 -4.44 5.31
C ASN B 75 -7.66 -4.27 4.30
N ARG B 76 -8.76 -4.98 4.55
CA ARG B 76 -9.96 -4.86 3.75
C ARG B 76 -11.07 -4.32 4.66
N VAL B 77 -11.92 -3.46 4.14
CA VAL B 77 -13.08 -2.97 4.90
C VAL B 77 -14.34 -3.12 4.05
N ASP B 78 -15.35 -3.80 4.59
CA ASP B 78 -16.63 -3.98 3.92
C ASP B 78 -17.69 -3.12 4.63
N PHE B 79 -18.64 -2.58 3.86
CA PHE B 79 -19.65 -1.66 4.39
C PHE B 79 -21.07 -2.07 4.01
N ALA B 80 -21.96 -2.15 5.01
CA ALA B 80 -23.40 -2.23 4.73
C ALA B 80 -23.87 -0.87 4.17
N PRO B 81 -25.01 -0.86 3.43
CA PRO B 81 -25.56 0.43 3.01
C PRO B 81 -25.77 1.35 4.22
N GLY B 82 -25.28 2.58 4.13
CA GLY B 82 -25.37 3.52 5.25
C GLY B 82 -24.39 3.25 6.38
N GLY B 83 -23.51 2.26 6.20
CA GLY B 83 -22.51 1.91 7.20
C GLY B 83 -21.33 2.86 7.21
N THR B 84 -20.67 2.97 8.35
CA THR B 84 -19.50 3.84 8.47
C THR B 84 -18.29 3.10 9.04
N ASN B 85 -17.11 3.47 8.57
CA ASN B 85 -15.87 3.23 9.30
C ASN B 85 -15.59 4.59 9.94
N PRO B 86 -15.88 4.70 11.25
CA PRO B 86 -16.05 6.02 11.89
C PRO B 86 -14.76 6.80 12.02
N PRO B 87 -14.85 8.14 12.27
CA PRO B 87 -13.65 8.95 12.47
C PRO B 87 -12.59 8.23 13.30
N HIS B 88 -11.40 8.07 12.73
CA HIS B 88 -10.32 7.32 13.36
C HIS B 88 -8.95 7.81 12.88
N ILE B 89 -7.91 7.37 13.59
CA ILE B 89 -6.53 7.80 13.35
C ILE B 89 -5.62 6.56 13.35
N HIS B 90 -4.62 6.56 12.48
CA HIS B 90 -3.52 5.58 12.55
C HIS B 90 -2.30 6.28 13.13
N PRO B 91 -1.92 5.94 14.37
CA PRO B 91 -0.82 6.64 15.04
C PRO B 91 0.55 6.52 14.35
N ARG B 92 0.76 5.45 13.58
CA ARG B 92 2.09 5.16 13.06
C ARG B 92 2.21 4.92 11.54
N ALA B 93 1.23 5.37 10.77
CA ALA B 93 1.27 5.13 9.31
C ALA B 93 0.39 6.07 8.49
N THR B 94 0.85 6.40 7.29
CA THR B 94 -0.10 6.88 6.28
C THR B 94 -0.75 5.70 5.55
N GLU B 95 -1.99 5.94 5.11
CA GLU B 95 -2.84 4.93 4.49
C GLU B 95 -3.05 5.33 3.03
N ILE B 96 -3.05 4.33 2.15
CA ILE B 96 -3.33 4.54 0.74
C ILE B 96 -4.28 3.43 0.26
N GLY B 97 -5.39 3.83 -0.32
CA GLY B 97 -6.47 2.86 -0.57
C GLY B 97 -7.20 2.98 -1.90
N MET B 98 -7.89 1.91 -2.26
CA MET B 98 -8.72 1.87 -3.46
C MET B 98 -10.09 1.30 -3.14
N VAL B 99 -11.14 1.99 -3.58
CA VAL B 99 -12.50 1.45 -3.50
C VAL B 99 -12.65 0.38 -4.59
N MET B 100 -13.13 -0.80 -4.20
CA MET B 100 -13.25 -1.92 -5.14
C MET B 100 -14.68 -2.09 -5.69
N LYS B 101 -15.66 -1.82 -4.84
CA LYS B 101 -17.08 -1.95 -5.19
C LYS B 101 -17.88 -0.90 -4.42
N GLY B 102 -18.86 -0.29 -5.09
CA GLY B 102 -19.79 0.64 -4.43
C GLY B 102 -19.36 2.09 -4.43
N GLU B 103 -20.00 2.87 -3.56
CA GLU B 103 -19.79 4.32 -3.48
C GLU B 103 -19.52 4.73 -2.03
N LEU B 104 -18.29 5.15 -1.76
CA LEU B 104 -17.87 5.51 -0.41
C LEU B 104 -17.47 6.97 -0.31
N LEU B 105 -18.19 7.72 0.53
CA LEU B 105 -17.73 9.05 0.93
C LEU B 105 -16.51 8.85 1.80
N VAL B 106 -15.39 9.47 1.40
CA VAL B 106 -14.14 9.39 2.12
C VAL B 106 -13.75 10.80 2.56
N GLY B 107 -13.56 10.97 3.87
CA GLY B 107 -13.26 12.28 4.45
C GLY B 107 -11.95 12.28 5.19
N ILE B 108 -11.15 13.32 4.97
CA ILE B 108 -9.82 13.47 5.58
C ILE B 108 -9.71 14.86 6.19
N LEU B 109 -9.30 14.94 7.45
CA LEU B 109 -9.31 16.18 8.21
C LEU B 109 -7.89 16.68 8.51
N GLY B 110 -7.62 17.93 8.12
CA GLY B 110 -6.36 18.58 8.48
C GLY B 110 -6.29 18.87 9.97
N SER B 111 -5.09 19.14 10.47
CA SER B 111 -4.87 19.48 11.89
C SER B 111 -5.22 20.96 12.14
N LEU B 112 -4.97 21.45 13.35
CA LEU B 112 -5.28 22.83 13.70
C LEU B 112 -4.64 23.84 12.74
N ASP B 113 -3.38 23.59 12.37
CA ASP B 113 -2.63 24.48 11.47
C ASP B 113 -3.24 24.56 10.08
N SER B 114 -3.98 23.52 9.70
CA SER B 114 -4.68 23.46 8.41
C SER B 114 -6.14 23.93 8.56
N GLY B 115 -6.45 24.59 9.67
CA GLY B 115 -7.78 25.10 9.96
C GLY B 115 -8.83 24.03 10.14
N ASN B 116 -8.39 22.82 10.51
CA ASN B 116 -9.28 21.66 10.62
C ASN B 116 -10.15 21.47 9.38
N LYS B 117 -9.54 21.65 8.21
CA LYS B 117 -10.25 21.56 6.94
C LYS B 117 -10.65 20.13 6.61
N LEU B 118 -11.89 19.94 6.19
CA LEU B 118 -12.37 18.64 5.75
C LEU B 118 -12.28 18.53 4.22
N TYR B 119 -11.49 17.56 3.77
CA TYR B 119 -11.39 17.19 2.36
C TYR B 119 -12.22 15.92 2.18
N SER B 120 -13.11 15.92 1.19
CA SER B 120 -13.95 14.74 0.98
C SER B 120 -14.49 14.61 -0.44
N ARG B 121 -14.78 13.38 -0.84
CA ARG B 121 -15.52 13.12 -2.07
C ARG B 121 -16.06 11.69 -2.04
N VAL B 122 -17.03 11.42 -2.90
CA VAL B 122 -17.54 10.07 -3.08
C VAL B 122 -16.61 9.33 -4.04
N VAL B 123 -15.98 8.28 -3.52
CA VAL B 123 -14.96 7.51 -4.23
C VAL B 123 -15.59 6.20 -4.73
N ARG B 124 -15.43 5.93 -6.02
CA ARG B 124 -16.06 4.76 -6.67
C ARG B 124 -15.02 3.73 -7.12
N ALA B 125 -15.49 2.64 -7.75
CA ALA B 125 -14.63 1.52 -8.13
C ALA B 125 -13.40 1.96 -8.93
N GLY B 126 -12.22 1.54 -8.46
CA GLY B 126 -10.95 1.86 -9.12
C GLY B 126 -10.34 3.18 -8.72
N GLU B 127 -11.10 4.02 -8.00
CA GLU B 127 -10.61 5.32 -7.56
C GLU B 127 -9.89 5.19 -6.22
N THR B 128 -8.97 6.11 -5.95
CA THR B 128 -8.05 5.98 -4.81
C THR B 128 -8.04 7.22 -3.91
N PHE B 129 -7.51 7.04 -2.70
CA PHE B 129 -7.36 8.13 -1.73
C PHE B 129 -6.10 7.89 -0.89
N VAL B 130 -5.58 8.96 -0.31
CA VAL B 130 -4.41 8.89 0.56
C VAL B 130 -4.65 9.69 1.84
N ILE B 131 -4.25 9.11 2.98
CA ILE B 131 -4.50 9.70 4.30
C ILE B 131 -3.18 9.87 5.05
N PRO B 132 -2.69 11.12 5.21
CA PRO B 132 -1.44 11.34 5.96
C PRO B 132 -1.45 10.76 7.36
N ARG B 133 -0.30 10.25 7.77
CA ARG B 133 -0.06 9.72 9.10
C ARG B 133 -0.67 10.58 10.22
N GLY B 134 -1.44 9.95 11.11
CA GLY B 134 -1.95 10.61 12.31
C GLY B 134 -3.18 11.52 12.20
N LEU B 135 -3.68 11.73 10.99
CA LEU B 135 -4.84 12.62 10.79
C LEU B 135 -6.17 11.87 10.89
N MET B 136 -7.17 12.55 11.44
CA MET B 136 -8.51 11.96 11.56
C MET B 136 -9.18 11.81 10.19
N HIS B 137 -9.86 10.69 9.99
CA HIS B 137 -10.50 10.38 8.70
C HIS B 137 -11.62 9.35 8.87
N PHE B 138 -12.49 9.25 7.88
CA PHE B 138 -13.62 8.32 7.94
C PHE B 138 -14.05 7.87 6.54
N GLN B 139 -14.88 6.82 6.50
CA GLN B 139 -15.57 6.43 5.26
C GLN B 139 -17.05 6.15 5.58
N PHE B 140 -17.92 6.40 4.61
CA PHE B 140 -19.37 6.24 4.79
C PHE B 140 -19.99 5.74 3.48
N ASN B 141 -20.74 4.64 3.55
CA ASN B 141 -21.35 4.05 2.35
C ASN B 141 -22.63 4.78 1.94
N VAL B 142 -22.54 5.55 0.87
CA VAL B 142 -23.67 6.38 0.40
C VAL B 142 -24.56 5.65 -0.62
N GLY B 143 -24.14 4.46 -1.02
CA GLY B 143 -24.88 3.66 -2.01
C GLY B 143 -25.93 2.76 -1.39
N LYS B 144 -26.66 2.06 -2.25
CA LYS B 144 -27.75 1.18 -1.81
C LYS B 144 -27.29 -0.27 -1.63
N THR B 145 -26.07 -0.55 -2.11
CA THR B 145 -25.50 -1.90 -2.11
C THR B 145 -24.30 -1.96 -1.16
N GLU B 146 -23.85 -3.18 -0.85
CA GLU B 146 -22.64 -3.39 -0.05
C GLU B 146 -21.43 -2.86 -0.81
N ALA B 147 -20.55 -2.14 -0.10
CA ALA B 147 -19.34 -1.59 -0.69
C ALA B 147 -18.11 -2.16 0.01
N TYR B 148 -16.97 -2.15 -0.67
CA TYR B 148 -15.72 -2.49 -0.01
C TYR B 148 -14.50 -1.80 -0.62
N MET B 149 -13.46 -1.73 0.20
CA MET B 149 -12.19 -1.13 -0.20
C MET B 149 -11.03 -1.99 0.30
N VAL B 150 -9.87 -1.83 -0.34
CA VAL B 150 -8.66 -2.49 0.10
C VAL B 150 -7.61 -1.40 0.27
N VAL B 151 -6.98 -1.36 1.44
CA VAL B 151 -6.02 -0.30 1.75
C VAL B 151 -4.66 -0.87 2.19
N SER B 152 -3.62 -0.07 2.01
CA SER B 152 -2.27 -0.42 2.42
C SER B 152 -1.71 0.69 3.31
N PHE B 153 -0.71 0.33 4.13
CA PHE B 153 -0.08 1.25 5.07
C PHE B 153 1.42 1.15 4.95
N ASN B 154 2.12 2.24 5.26
CA ASN B 154 3.58 2.18 5.34
C ASN B 154 4.07 1.82 6.74
N SER B 155 3.33 0.91 7.39
CA SER B 155 3.77 0.28 8.65
C SER B 155 3.24 -1.15 8.73
N GLN B 156 4.00 -2.02 9.39
CA GLN B 156 3.56 -3.39 9.67
C GLN B 156 2.46 -3.42 10.73
N ASN B 157 2.31 -2.32 11.48
CA ASN B 157 1.39 -2.24 12.61
C ASN B 157 0.94 -0.80 12.80
N PRO B 158 0.08 -0.29 11.88
CA PRO B 158 -0.30 1.12 11.90
C PRO B 158 -1.01 1.56 13.18
N GLY B 159 -1.77 0.64 13.78
CA GLY B 159 -2.59 0.95 14.95
C GLY B 159 -3.90 1.61 14.53
N ILE B 160 -4.92 1.49 15.38
CA ILE B 160 -6.17 2.22 15.14
C ILE B 160 -6.74 2.85 16.41
N VAL B 161 -6.92 4.16 16.33
CA VAL B 161 -7.55 4.96 17.38
C VAL B 161 -8.95 5.31 16.85
N PHE B 162 -9.95 4.54 17.26
CA PHE B 162 -11.33 4.86 16.92
C PHE B 162 -11.78 5.99 17.83
N VAL B 163 -12.15 7.12 17.24
CA VAL B 163 -12.45 8.33 18.02
C VAL B 163 -13.69 8.19 18.93
N PRO B 164 -14.87 7.79 18.39
CA PRO B 164 -16.02 7.67 19.30
C PRO B 164 -15.79 6.63 20.42
N LEU B 165 -15.33 5.44 20.05
CA LEU B 165 -15.10 4.37 21.04
C LEU B 165 -14.07 4.73 22.11
N THR B 166 -12.94 5.35 21.74
CA THR B 166 -11.99 5.74 22.79
C THR B 166 -12.44 6.96 23.62
N LEU B 167 -13.12 7.91 22.98
CA LEU B 167 -13.66 9.07 23.71
C LEU B 167 -14.68 8.66 24.78
N PHE B 168 -15.56 7.72 24.43
CA PHE B 168 -16.72 7.41 25.27
C PHE B 168 -16.70 6.05 25.95
N GLY B 169 -15.87 5.13 25.43
CA GLY B 169 -15.85 3.75 25.93
C GLY B 169 -14.47 3.16 26.18
N SER B 170 -13.54 3.99 26.62
CA SER B 170 -12.21 3.51 27.02
C SER B 170 -12.31 2.70 28.31
N ASP B 171 -11.20 2.06 28.68
CA ASP B 171 -11.15 1.15 29.82
C ASP B 171 -10.13 1.62 30.88
N PRO B 172 -10.59 2.34 31.92
CA PRO B 172 -11.95 2.81 32.19
C PRO B 172 -12.30 4.04 31.35
N PRO B 173 -13.59 4.43 31.31
CA PRO B 173 -13.96 5.65 30.59
C PRO B 173 -13.36 6.94 31.17
N ILE B 174 -13.17 7.93 30.30
CA ILE B 174 -12.76 9.27 30.71
C ILE B 174 -13.80 9.84 31.69
N PRO B 175 -13.35 10.45 32.81
CA PRO B 175 -14.31 10.99 33.76
C PRO B 175 -15.28 11.99 33.14
N THR B 176 -16.56 11.89 33.51
CA THR B 176 -17.60 12.78 32.98
C THR B 176 -17.28 14.30 33.10
N PRO B 177 -16.77 14.76 34.25
CA PRO B 177 -16.37 16.19 34.34
C PRO B 177 -15.36 16.65 33.29
N VAL B 178 -14.45 15.75 32.87
CA VAL B 178 -13.51 16.09 31.80
C VAL B 178 -14.28 16.29 30.49
N LEU B 179 -15.20 15.37 30.21
CA LEU B 179 -15.95 15.38 28.97
C LEU B 179 -17.00 16.50 28.88
N THR B 180 -17.65 16.84 30.00
CA THR B 180 -18.57 17.98 29.98
C THR B 180 -17.84 19.28 29.65
N LYS B 181 -16.65 19.48 30.24
CA LYS B 181 -15.85 20.67 29.96
C LYS B 181 -15.39 20.69 28.49
N ALA B 182 -14.90 19.54 28.01
CA ALA B 182 -14.37 19.41 26.65
C ALA B 182 -15.43 19.51 25.54
N LEU B 183 -16.59 18.93 25.78
CA LEU B 183 -17.65 18.87 24.76
C LEU B 183 -18.69 20.01 24.86
N ARG B 184 -18.64 20.76 25.97
CA ARG B 184 -19.47 21.97 26.14
C ARG B 184 -20.97 21.67 26.23
N VAL B 185 -21.30 20.49 26.74
CA VAL B 185 -22.68 20.05 26.98
C VAL B 185 -22.84 19.51 28.41
N GLU B 186 -24.09 19.34 28.84
CA GLU B 186 -24.39 18.86 30.21
C GLU B 186 -24.03 17.39 30.41
N ALA B 187 -23.89 16.99 31.68
CA ALA B 187 -23.56 15.62 32.05
C ALA B 187 -24.51 14.57 31.45
N GLY B 188 -25.79 14.90 31.35
CA GLY B 188 -26.81 14.00 30.78
C GLY B 188 -26.51 13.58 29.35
N VAL B 189 -26.02 14.53 28.55
CA VAL B 189 -25.64 14.26 27.17
C VAL B 189 -24.39 13.38 27.11
N VAL B 190 -23.39 13.70 27.93
CA VAL B 190 -22.17 12.89 28.03
C VAL B 190 -22.50 11.45 28.46
N GLU B 191 -23.35 11.29 29.47
CA GLU B 191 -23.75 9.95 29.91
C GLU B 191 -24.53 9.18 28.82
N LEU B 192 -25.38 9.87 28.06
CA LEU B 192 -26.07 9.23 26.94
C LEU B 192 -25.08 8.65 25.92
N LEU B 193 -24.08 9.46 25.57
CA LEU B 193 -23.02 9.02 24.66
C LEU B 193 -22.21 7.84 25.23
N LYS B 194 -21.82 7.93 26.50
CA LYS B 194 -21.14 6.82 27.19
C LYS B 194 -21.96 5.52 27.10
N SER B 195 -23.27 5.64 27.29
CA SER B 195 -24.16 4.47 27.31
C SER B 195 -24.11 3.65 26.02
N LYS B 196 -23.82 4.32 24.91
CA LYS B 196 -23.78 3.68 23.59
C LYS B 196 -22.50 2.86 23.36
N PHE B 197 -21.46 3.12 24.15
CA PHE B 197 -20.15 2.50 23.98
C PHE B 197 -19.72 1.68 25.19
N ALA B 198 -20.67 1.36 26.07
CA ALA B 198 -20.39 0.70 27.35
C ALA B 198 -19.86 -0.73 27.23
N GLY B 199 -20.14 -1.38 26.11
CA GLY B 199 -19.71 -2.77 25.88
C GLY B 199 -18.27 -2.96 25.42
N GLY B 200 -17.57 -1.87 25.13
CA GLY B 200 -16.18 -1.94 24.70
C GLY B 200 -16.00 -2.06 23.20
N SER B 201 -17.10 -1.91 22.45
CA SER B 201 -17.06 -1.90 21.00
C SER B 201 -18.09 -0.93 20.42
#